data_9H7J
#
_entry.id   9H7J
#
_cell.length_a   84.480
_cell.length_b   42.020
_cell.length_c   63.490
_cell.angle_alpha   90.00
_cell.angle_beta   90.00
_cell.angle_gamma   90.00
#
_symmetry.space_group_name_H-M   'P 21 21 2'
#
loop_
_entity.id
_entity.type
_entity.pdbx_description
1 polymer Transthyretin
2 non-polymer 'CALCIUM ION'
3 non-polymer 5-methyl-4-phenyl-1H-pyrazol-3-amine
4 water water
#
_entity_poly.entity_id   1
_entity_poly.type   'polypeptide(L)'
_entity_poly.pdbx_seq_one_letter_code
;GPTGTGESKCPLMVKVLDAVRGSPAINVAVHVFRKAADDTWEPFASGKTSESGELHGLTTEEEFVEGIYKVEIDTKSYWK
ALGISPFHEHAEVVFTANDSGPRRYTIAALLSPYSYSTTAVVTNPKE
;
_entity_poly.pdbx_strand_id   A,B
#
loop_
_chem_comp.id
_chem_comp.type
_chem_comp.name
_chem_comp.formula
A1ISY non-polymer 5-methyl-4-phenyl-1H-pyrazol-3-amine 'C10 H11 N3'
CA non-polymer 'CALCIUM ION' 'Ca 2'
#
# COMPACT_ATOMS: atom_id res chain seq x y z
C CYS A 10 10.44 3.37 20.12
N PRO A 11 11.39 3.03 19.24
CA PRO A 11 11.66 3.80 18.03
C PRO A 11 10.64 3.63 16.90
N LEU A 12 9.80 2.60 16.96
CA LEU A 12 8.85 2.30 15.89
C LEU A 12 7.59 1.81 16.49
N MET A 13 6.50 2.48 16.16
CA MET A 13 5.20 2.09 16.64
C MET A 13 4.29 2.11 15.46
N VAL A 14 3.29 1.25 15.54
CA VAL A 14 2.22 1.19 14.51
C VAL A 14 0.88 1.50 15.14
N LYS A 15 0.03 2.21 14.47
CA LYS A 15 -1.35 2.46 14.96
C LYS A 15 -2.32 2.25 13.86
N VAL A 16 -3.35 1.42 14.14
CA VAL A 16 -4.27 1.05 13.09
C VAL A 16 -5.70 1.41 13.51
N LEU A 17 -6.42 2.07 12.64
CA LEU A 17 -7.81 2.49 12.84
C LEU A 17 -8.70 1.97 11.74
N ASP A 18 -9.96 1.72 12.18
CA ASP A 18 -11.04 1.17 11.36
C ASP A 18 -12.06 2.21 10.98
N ALA A 19 -12.17 2.51 9.69
CA ALA A 19 -13.02 3.58 9.21
C ALA A 19 -14.48 3.18 8.97
N VAL A 20 -14.69 1.91 9.04
CA VAL A 20 -16.08 1.36 8.90
C VAL A 20 -16.83 1.39 10.21
N ARG A 21 -16.16 0.95 11.27
CA ARG A 21 -16.72 0.78 12.58
C ARG A 21 -16.42 1.93 13.51
N GLY A 22 -15.48 2.81 13.14
CA GLY A 22 -15.14 3.92 13.99
C GLY A 22 -14.44 3.59 15.22
N SER A 23 -13.46 2.77 15.09
CA SER A 23 -12.86 2.09 16.25
C SER A 23 -11.34 1.92 15.95
N PRO A 24 -10.58 1.68 17.02
CA PRO A 24 -9.26 1.13 16.77
C PRO A 24 -9.38 -0.18 16.07
N ALA A 25 -8.39 -0.64 15.31
CA ALA A 25 -8.35 -1.96 14.72
C ALA A 25 -7.55 -2.84 15.63
N ILE A 26 -8.26 -3.79 16.30
CA ILE A 26 -7.68 -4.53 17.38
C ILE A 26 -7.27 -5.90 16.94
N ASN A 27 -6.21 -6.43 17.46
CA ASN A 27 -5.72 -7.78 17.13
C ASN A 27 -5.40 -7.98 15.66
N VAL A 28 -4.84 -6.91 15.09
CA VAL A 28 -4.38 -6.97 13.71
C VAL A 28 -2.91 -7.38 13.65
N ALA A 29 -2.52 -8.32 12.83
CA ALA A 29 -1.16 -8.77 12.69
C ALA A 29 -0.34 -7.76 11.90
N VAL A 30 0.87 -7.47 12.38
CA VAL A 30 1.75 -6.48 11.71
C VAL A 30 3.07 -7.16 11.66
N HIS A 31 3.71 -7.10 10.46
CA HIS A 31 5.03 -7.65 10.30
C HIS A 31 5.96 -6.53 9.74
N VAL A 32 7.18 -6.54 10.17
CA VAL A 32 8.17 -5.50 9.74
C VAL A 32 9.25 -6.31 9.08
N PHE A 33 9.78 -5.74 7.96
CA PHE A 33 10.84 -6.34 7.22
C PHE A 33 11.88 -5.24 6.90
N ARG A 34 13.10 -5.67 6.79
CA ARG A 34 14.18 -4.78 6.38
C ARG A 34 14.79 -5.29 5.07
N LYS A 35 15.16 -4.39 4.16
CA LYS A 35 15.55 -4.83 2.82
C LYS A 35 16.93 -5.46 2.88
N TRP A 41 13.75 -9.18 1.30
CA TRP A 41 13.10 -8.68 2.52
C TRP A 41 13.33 -9.63 3.67
N GLU A 42 14.02 -9.19 4.71
CA GLU A 42 14.26 -10.00 5.86
C GLU A 42 13.21 -9.61 6.94
N PRO A 43 12.35 -10.57 7.37
CA PRO A 43 11.47 -10.24 8.48
C PRO A 43 12.27 -10.08 9.71
N PHE A 44 11.90 -9.13 10.58
CA PHE A 44 12.56 -9.09 11.85
C PHE A 44 11.73 -8.66 13.03
N ALA A 45 10.52 -8.17 12.83
CA ALA A 45 9.69 -7.76 13.98
C ALA A 45 8.28 -7.88 13.54
N SER A 46 7.47 -8.31 14.52
CA SER A 46 6.03 -8.48 14.25
C SER A 46 5.24 -8.56 15.56
N GLY A 47 3.96 -8.31 15.43
CA GLY A 47 3.13 -8.37 16.63
C GLY A 47 1.68 -8.19 16.24
N LYS A 48 0.84 -8.03 17.28
CA LYS A 48 -0.61 -7.83 17.02
C LYS A 48 -1.02 -6.50 17.79
N THR A 49 -1.84 -5.67 17.12
CA THR A 49 -2.33 -4.48 17.76
C THR A 49 -3.13 -4.71 19.01
N SER A 50 -3.03 -3.82 19.97
CA SER A 50 -3.72 -3.91 21.27
C SER A 50 -5.15 -3.37 21.12
N GLU A 51 -5.83 -3.31 22.27
CA GLU A 51 -7.15 -2.71 22.35
C GLU A 51 -7.27 -1.28 21.86
N SER A 52 -6.16 -0.56 21.96
CA SER A 52 -6.18 0.80 21.43
C SER A 52 -5.73 0.89 19.95
N GLY A 53 -5.45 -0.21 19.31
CA GLY A 53 -5.06 -0.24 17.97
C GLY A 53 -3.57 0.03 17.79
N GLU A 54 -2.82 -0.08 18.86
CA GLU A 54 -1.43 0.26 18.78
C GLU A 54 -0.56 -0.94 19.01
N LEU A 55 0.63 -0.95 18.47
CA LEU A 55 1.56 -2.01 18.56
C LEU A 55 2.89 -1.35 18.90
N HIS A 56 3.31 -1.55 20.13
CA HIS A 56 4.50 -1.02 20.75
C HIS A 56 5.49 -2.17 20.90
N GLY A 57 6.74 -1.82 21.10
CA GLY A 57 7.75 -2.85 21.41
C GLY A 57 8.18 -3.78 20.29
N LEU A 58 7.98 -3.38 19.05
CA LEU A 58 8.45 -4.11 17.91
C LEU A 58 9.92 -4.34 17.85
N THR A 59 10.67 -3.29 18.18
CA THR A 59 12.08 -3.32 17.99
C THR A 59 12.72 -2.47 19.06
N THR A 60 14.02 -2.16 18.87
CA THR A 60 14.82 -1.45 19.83
C THR A 60 15.61 -0.36 19.12
N GLU A 61 16.07 0.62 19.86
CA GLU A 61 16.94 1.62 19.32
C GLU A 61 18.18 1.01 18.64
N GLU A 62 18.76 -0.04 19.22
CA GLU A 62 19.95 -0.71 18.69
C GLU A 62 19.69 -1.40 17.36
N GLU A 63 18.57 -2.13 17.32
CA GLU A 63 18.20 -2.83 16.10
C GLU A 63 17.76 -1.98 14.90
N PHE A 64 17.10 -0.89 15.15
CA PHE A 64 16.43 -0.20 14.10
C PHE A 64 17.45 0.83 13.51
N VAL A 65 18.18 0.33 12.54
CA VAL A 65 19.21 1.20 11.81
C VAL A 65 18.56 1.73 10.57
N GLU A 66 19.31 2.74 10.15
CA GLU A 66 18.92 3.31 8.85
C GLU A 66 18.84 2.25 7.77
N GLY A 67 17.92 2.44 6.83
CA GLY A 67 17.74 1.44 5.77
C GLY A 67 16.35 1.57 5.25
N ILE A 68 15.94 0.54 4.54
CA ILE A 68 14.65 0.52 3.88
C ILE A 68 13.79 -0.56 4.54
N TYR A 69 12.63 -0.12 5.00
CA TYR A 69 11.77 -1.00 5.76
C TYR A 69 10.43 -1.16 5.07
N LYS A 70 9.74 -2.30 5.38
CA LYS A 70 8.38 -2.54 5.02
C LYS A 70 7.56 -2.93 6.22
N VAL A 71 6.51 -2.17 6.43
CA VAL A 71 5.50 -2.64 7.45
C VAL A 71 4.31 -3.20 6.67
N GLU A 72 3.99 -4.46 6.94
CA GLU A 72 2.91 -5.18 6.31
C GLU A 72 1.79 -5.42 7.37
N ILE A 73 0.62 -4.90 7.10
CA ILE A 73 -0.47 -5.09 8.01
C ILE A 73 -1.50 -6.05 7.42
N ASP A 74 -1.86 -7.05 8.20
CA ASP A 74 -2.73 -8.10 7.66
C ASP A 74 -4.19 -7.68 7.74
N THR A 75 -4.61 -6.86 6.81
CA THR A 75 -5.93 -6.28 6.78
C THR A 75 -7.01 -7.34 6.41
N LYS A 76 -6.59 -8.18 5.52
CA LYS A 76 -7.59 -9.19 5.07
C LYS A 76 -8.06 -10.06 6.21
N SER A 77 -7.20 -10.53 7.07
CA SER A 77 -7.75 -11.40 8.20
C SER A 77 -8.46 -10.51 9.15
N TYR A 78 -8.12 -9.22 9.29
CA TYR A 78 -8.91 -8.38 10.20
C TYR A 78 -10.33 -8.18 9.67
N TRP A 79 -10.57 -7.97 8.42
CA TRP A 79 -11.83 -7.74 7.86
C TRP A 79 -12.60 -9.10 7.90
N LYS A 80 -11.95 -10.20 7.55
CA LYS A 80 -12.67 -11.52 7.64
C LYS A 80 -13.08 -11.69 9.09
N ALA A 81 -12.31 -11.52 10.13
CA ALA A 81 -12.77 -11.67 11.53
C ALA A 81 -14.00 -10.86 11.85
N LEU A 82 -14.29 -9.81 11.09
CA LEU A 82 -15.46 -8.94 11.33
C LEU A 82 -16.68 -9.29 10.48
N GLY A 83 -16.48 -10.20 9.54
CA GLY A 83 -17.49 -10.51 8.53
C GLY A 83 -17.72 -9.53 7.42
N ILE A 84 -16.64 -8.76 7.12
CA ILE A 84 -16.68 -7.62 6.18
C ILE A 84 -15.79 -8.01 4.98
N SER A 85 -16.31 -7.87 3.78
CA SER A 85 -15.67 -8.40 2.63
C SER A 85 -14.49 -7.39 2.22
N PRO A 86 -13.24 -7.88 2.21
CA PRO A 86 -12.09 -6.96 1.86
C PRO A 86 -11.70 -7.10 0.44
N PHE A 87 -10.96 -6.07 0.02
CA PHE A 87 -10.34 -5.98 -1.34
C PHE A 87 -8.87 -6.42 -1.32
N HIS A 88 -8.13 -5.76 -0.41
CA HIS A 88 -6.69 -5.93 -0.39
C HIS A 88 -6.24 -7.16 0.35
N GLU A 89 -5.12 -7.74 -0.10
CA GLU A 89 -4.47 -8.76 0.63
C GLU A 89 -3.92 -8.26 1.91
N HIS A 90 -3.41 -6.99 1.91
CA HIS A 90 -2.83 -6.43 3.06
C HIS A 90 -2.74 -4.96 2.80
N ALA A 91 -2.18 -4.32 3.80
CA ALA A 91 -1.65 -2.99 3.50
C ALA A 91 -0.17 -3.06 3.85
N GLU A 92 0.71 -2.49 2.99
CA GLU A 92 2.15 -2.42 3.21
C GLU A 92 2.64 -1.09 2.95
N VAL A 93 3.55 -0.76 3.83
CA VAL A 93 4.07 0.52 3.88
C VAL A 93 5.62 0.49 3.84
N VAL A 94 6.24 0.99 2.75
CA VAL A 94 7.66 0.83 2.49
C VAL A 94 8.36 2.22 2.50
N PHE A 95 9.36 2.34 3.38
CA PHE A 95 9.97 3.67 3.57
C PHE A 95 11.38 3.52 3.92
N THR A 96 12.08 4.69 3.74
CA THR A 96 13.48 4.83 4.12
C THR A 96 13.55 5.48 5.50
N ALA A 97 14.32 4.87 6.40
CA ALA A 97 14.61 5.47 7.70
C ALA A 97 15.98 6.21 7.65
N ARG A 103 15.14 10.29 16.39
CA ARG A 103 13.76 10.22 15.93
C ARG A 103 13.02 9.03 16.49
N ARG A 104 11.71 9.17 16.54
CA ARG A 104 10.77 8.08 16.75
C ARG A 104 9.80 8.09 15.56
N TYR A 105 9.37 6.89 15.11
CA TYR A 105 8.55 6.77 13.94
C TYR A 105 7.24 6.12 14.40
N THR A 106 6.14 6.72 13.98
CA THR A 106 4.83 6.09 14.07
C THR A 106 4.27 5.96 12.71
N ILE A 107 3.90 4.72 12.38
CA ILE A 107 3.24 4.43 11.10
C ILE A 107 1.77 4.30 11.40
N ALA A 108 0.93 5.17 10.91
CA ALA A 108 -0.49 5.13 11.18
C ALA A 108 -1.14 4.77 9.94
N ALA A 109 -2.14 3.88 10.15
CA ALA A 109 -2.98 3.36 9.02
C ALA A 109 -4.47 3.45 9.33
N LEU A 110 -5.20 3.88 8.38
CA LEU A 110 -6.70 3.95 8.53
C LEU A 110 -7.21 3.16 7.43
N LEU A 111 -8.05 2.12 7.88
CA LEU A 111 -8.51 0.97 7.02
C LEU A 111 -9.98 1.02 6.57
N SER A 112 -10.20 0.84 5.33
CA SER A 112 -11.56 0.48 4.85
C SER A 112 -11.39 -0.70 3.90
N PRO A 113 -12.58 -1.39 3.65
CA PRO A 113 -12.50 -2.57 2.86
C PRO A 113 -11.89 -2.53 1.50
N TYR A 114 -12.04 -1.34 0.84
CA TYR A 114 -11.51 -1.18 -0.49
C TYR A 114 -10.45 0.00 -0.54
N SER A 115 -10.00 0.47 0.63
CA SER A 115 -9.08 1.61 0.59
C SER A 115 -8.35 1.50 1.85
N TYR A 116 -7.15 2.14 1.84
CA TYR A 116 -6.44 2.49 3.08
C TYR A 116 -5.53 3.76 2.87
N SER A 117 -5.44 4.42 3.97
CA SER A 117 -4.48 5.54 3.97
CA SER A 117 -4.56 5.65 4.06
C SER A 117 -3.52 5.31 5.15
N THR A 118 -2.26 5.81 4.86
CA THR A 118 -1.20 5.62 5.78
C THR A 118 -0.31 6.91 5.81
N THR A 119 0.09 7.24 6.99
CA THR A 119 1.03 8.41 7.12
C THR A 119 2.04 8.02 8.10
N ALA A 120 3.14 8.76 8.07
CA ALA A 120 4.21 8.57 9.04
C ALA A 120 4.32 9.83 9.88
N VAL A 121 4.50 9.63 11.15
CA VAL A 121 4.73 10.69 12.10
C VAL A 121 6.15 10.43 12.65
N VAL A 122 7.01 11.39 12.36
CA VAL A 122 8.45 11.33 12.69
C VAL A 122 8.79 12.48 13.61
N THR A 123 9.12 12.18 14.87
CA THR A 123 9.29 13.19 15.96
C THR A 123 10.67 13.06 16.56
C CYS B 10 -9.48 -2.01 -18.87
N PRO B 11 -9.27 -3.33 -18.62
CA PRO B 11 -9.53 -3.95 -17.35
C PRO B 11 -8.78 -3.51 -16.13
N LEU B 12 -7.70 -2.73 -16.31
CA LEU B 12 -6.92 -2.17 -15.17
C LEU B 12 -6.35 -0.78 -15.49
N MET B 13 -6.78 0.11 -14.66
CA MET B 13 -6.27 1.51 -14.85
C MET B 13 -5.86 1.97 -13.56
N VAL B 14 -4.91 2.91 -13.63
CA VAL B 14 -4.34 3.50 -12.40
C VAL B 14 -4.40 5.06 -12.48
N LYS B 15 -4.83 5.73 -11.45
CA LYS B 15 -4.91 7.16 -11.47
C LYS B 15 -4.20 7.63 -10.23
N VAL B 16 -3.33 8.68 -10.40
CA VAL B 16 -2.46 9.19 -9.37
C VAL B 16 -2.60 10.74 -9.27
N LEU B 17 -2.87 11.19 -8.08
CA LEU B 17 -3.08 12.61 -7.75
C LEU B 17 -2.14 13.00 -6.66
N ASP B 18 -1.74 14.32 -6.79
CA ASP B 18 -0.81 15.01 -5.83
C ASP B 18 -1.56 15.89 -4.92
N ALA B 19 -1.49 15.64 -3.62
CA ALA B 19 -2.20 16.37 -2.60
C ALA B 19 -1.49 17.66 -2.12
N VAL B 20 -0.28 17.87 -2.56
CA VAL B 20 0.51 19.07 -2.28
C VAL B 20 0.21 20.16 -3.30
N ARG B 21 0.23 19.78 -4.54
CA ARG B 21 0.05 20.69 -5.64
C ARG B 21 -1.35 20.81 -6.17
N GLY B 22 -2.22 19.84 -5.80
CA GLY B 22 -3.54 19.82 -6.32
C GLY B 22 -3.63 19.56 -7.74
N SER B 23 -2.87 18.59 -8.19
CA SER B 23 -2.72 18.29 -9.59
C SER B 23 -2.74 16.74 -9.79
N PRO B 24 -2.94 16.39 -11.01
CA PRO B 24 -2.60 15.03 -11.43
C PRO B 24 -1.13 14.76 -11.21
N ALA B 25 -0.65 13.60 -10.91
CA ALA B 25 0.74 13.21 -10.77
C ALA B 25 1.16 12.61 -12.09
N ILE B 26 1.94 13.36 -12.85
CA ILE B 26 2.25 13.10 -14.22
C ILE B 26 3.55 12.38 -14.33
N ASN B 27 3.65 11.47 -15.30
CA ASN B 27 4.86 10.76 -15.55
C ASN B 27 5.34 9.97 -14.38
N VAL B 28 4.32 9.37 -13.67
CA VAL B 28 4.65 8.51 -12.54
C VAL B 28 4.84 7.08 -13.04
N ALA B 29 5.86 6.39 -12.70
CA ALA B 29 6.02 4.99 -13.09
C ALA B 29 5.14 4.07 -12.20
N VAL B 30 4.56 3.09 -12.87
CA VAL B 30 3.64 2.06 -12.28
C VAL B 30 4.09 0.74 -12.84
N HIS B 31 4.35 -0.14 -11.87
CA HIS B 31 4.73 -1.54 -12.17
C HIS B 31 3.68 -2.51 -11.53
N VAL B 32 3.35 -3.46 -12.40
CA VAL B 32 2.34 -4.52 -12.00
C VAL B 32 3.11 -5.80 -12.07
N PHE B 33 2.80 -6.62 -11.01
CA PHE B 33 3.33 -7.96 -10.85
C PHE B 33 2.14 -8.92 -10.52
N ARG B 34 2.37 -10.14 -10.89
CA ARG B 34 1.38 -11.20 -10.60
C ARG B 34 2.13 -12.25 -9.84
N LYS B 35 1.41 -12.83 -8.83
CA LYS B 35 2.06 -13.90 -8.05
C LYS B 35 2.08 -15.18 -8.88
N ALA B 36 3.22 -15.82 -8.99
CA ALA B 36 3.48 -17.01 -9.79
C ALA B 36 3.31 -18.22 -8.88
N ALA B 37 3.34 -19.39 -9.49
CA ALA B 37 3.04 -20.60 -8.79
C ALA B 37 4.01 -20.97 -7.71
N ASP B 38 5.24 -20.49 -7.86
CA ASP B 38 6.22 -20.74 -6.85
C ASP B 38 6.21 -19.63 -5.83
N ASP B 39 5.19 -18.78 -5.88
CA ASP B 39 5.04 -17.75 -4.89
C ASP B 39 6.01 -16.59 -5.02
N THR B 40 6.78 -16.46 -6.12
CA THR B 40 7.50 -15.20 -6.46
C THR B 40 6.62 -14.21 -7.27
N TRP B 41 7.03 -12.96 -7.41
CA TRP B 41 6.25 -11.99 -8.13
C TRP B 41 6.81 -12.02 -9.55
N GLU B 42 5.98 -12.20 -10.54
CA GLU B 42 6.32 -12.16 -11.97
C GLU B 42 5.92 -10.78 -12.55
N PRO B 43 6.86 -10.13 -13.23
CA PRO B 43 6.50 -8.92 -13.88
C PRO B 43 5.37 -9.06 -14.84
N PHE B 44 4.36 -8.21 -14.74
CA PHE B 44 3.14 -8.36 -15.52
C PHE B 44 2.82 -7.26 -16.52
N ALA B 45 3.07 -6.01 -16.07
CA ALA B 45 2.85 -4.89 -16.95
C ALA B 45 3.43 -3.62 -16.25
N SER B 46 3.77 -2.56 -17.08
CA SER B 46 4.21 -1.31 -16.49
C SER B 46 3.87 -0.22 -17.47
N GLY B 47 3.97 1.02 -16.91
CA GLY B 47 3.69 2.20 -17.73
C GLY B 47 3.88 3.45 -16.85
N LYS B 48 3.58 4.58 -17.50
CA LYS B 48 3.72 5.84 -16.82
C LYS B 48 2.42 6.62 -16.90
N THR B 49 2.04 7.35 -15.87
CA THR B 49 0.90 8.17 -15.93
C THR B 49 0.99 9.32 -16.94
N SER B 50 -0.11 9.72 -17.51
CA SER B 50 -0.22 10.73 -18.54
C SER B 50 -0.36 12.09 -17.88
N GLU B 51 -0.56 13.13 -18.71
CA GLU B 51 -0.74 14.47 -18.19
C GLU B 51 -2.02 14.56 -17.34
N SER B 52 -2.95 13.60 -17.42
CA SER B 52 -4.09 13.64 -16.57
C SER B 52 -3.95 12.81 -15.32
N GLY B 53 -2.76 12.27 -15.11
CA GLY B 53 -2.50 11.39 -14.00
C GLY B 53 -3.05 9.96 -14.18
N GLU B 54 -3.44 9.61 -15.39
CA GLU B 54 -4.02 8.30 -15.62
C GLU B 54 -3.12 7.41 -16.44
N LEU B 55 -3.15 6.11 -16.19
CA LEU B 55 -2.43 5.14 -16.92
C LEU B 55 -3.45 4.09 -17.36
N HIS B 56 -3.72 4.13 -18.65
CA HIS B 56 -4.54 3.23 -19.37
C HIS B 56 -3.62 2.35 -20.30
N GLY B 57 -4.24 1.27 -20.72
CA GLY B 57 -3.56 0.32 -21.60
C GLY B 57 -2.49 -0.58 -20.96
N LEU B 58 -2.52 -0.76 -19.65
CA LEU B 58 -1.59 -1.65 -18.98
C LEU B 58 -1.68 -3.08 -19.52
N THR B 59 -2.91 -3.57 -19.65
CA THR B 59 -3.20 -4.98 -19.98
C THR B 59 -4.44 -5.13 -20.81
N THR B 60 -4.81 -6.37 -21.04
CA THR B 60 -5.91 -6.68 -21.93
C THR B 60 -6.76 -7.72 -21.19
N GLU B 61 -8.00 -7.83 -21.58
CA GLU B 61 -8.84 -8.87 -20.98
C GLU B 61 -8.21 -10.25 -21.03
N GLU B 62 -7.55 -10.58 -22.15
CA GLU B 62 -6.96 -11.89 -22.34
C GLU B 62 -5.79 -12.15 -21.39
N GLU B 63 -4.94 -11.13 -21.22
CA GLU B 63 -3.79 -11.31 -20.32
CA GLU B 63 -3.82 -11.26 -20.34
C GLU B 63 -4.11 -11.31 -18.78
N PHE B 64 -5.07 -10.55 -18.41
CA PHE B 64 -5.35 -10.23 -17.05
C PHE B 64 -6.28 -11.41 -16.45
N VAL B 65 -5.61 -12.43 -16.09
CA VAL B 65 -6.40 -13.67 -15.62
C VAL B 65 -6.53 -13.49 -14.17
N GLU B 66 -7.28 -14.44 -13.53
CA GLU B 66 -7.37 -14.44 -12.09
C GLU B 66 -6.00 -14.61 -11.46
N GLY B 67 -5.81 -13.98 -10.30
CA GLY B 67 -4.54 -14.10 -9.65
C GLY B 67 -4.41 -13.01 -8.60
N ILE B 68 -3.28 -13.04 -7.89
CA ILE B 68 -2.98 -11.98 -6.92
C ILE B 68 -1.91 -11.02 -7.58
N TYR B 69 -2.37 -9.77 -7.64
CA TYR B 69 -1.55 -8.72 -8.29
C TYR B 69 -1.07 -7.81 -7.23
N LYS B 70 0.11 -7.15 -7.59
CA LYS B 70 0.74 -6.03 -6.88
C LYS B 70 0.95 -4.88 -7.86
N VAL B 71 0.31 -3.79 -7.53
CA VAL B 71 0.62 -2.58 -8.29
C VAL B 71 1.50 -1.70 -7.41
N GLU B 72 2.66 -1.38 -7.95
CA GLU B 72 3.68 -0.56 -7.26
C GLU B 72 3.84 0.74 -8.01
N ILE B 73 3.46 1.78 -7.31
CA ILE B 73 3.63 3.13 -7.86
C ILE B 73 4.94 3.81 -7.33
N ASP B 74 5.76 4.25 -8.29
CA ASP B 74 7.04 4.80 -7.89
C ASP B 74 6.83 6.20 -7.43
N THR B 75 6.53 6.40 -6.20
CA THR B 75 6.30 7.70 -5.63
C THR B 75 7.64 8.33 -5.24
N LYS B 76 8.62 7.56 -4.90
CA LYS B 76 9.92 8.10 -4.61
C LYS B 76 10.43 8.84 -5.78
N SER B 77 10.54 8.33 -6.95
CA SER B 77 11.06 9.16 -8.08
C SER B 77 10.17 10.28 -8.41
N TYR B 78 8.86 10.25 -8.24
CA TYR B 78 7.99 11.40 -8.46
C TYR B 78 8.39 12.55 -7.52
N TRP B 79 8.54 12.36 -6.26
CA TRP B 79 8.81 13.35 -5.32
C TRP B 79 10.21 13.83 -5.64
N LYS B 80 11.20 12.99 -5.86
CA LYS B 80 12.58 13.51 -6.07
C LYS B 80 12.55 14.27 -7.31
N ALA B 81 11.81 14.08 -8.34
CA ALA B 81 11.84 14.89 -9.59
C ALA B 81 11.23 16.25 -9.34
N LEU B 82 10.49 16.42 -8.28
CA LEU B 82 9.93 17.67 -7.84
C LEU B 82 10.91 18.34 -6.87
N GLY B 83 11.98 17.68 -6.54
CA GLY B 83 12.95 18.27 -5.63
C GLY B 83 12.65 18.05 -4.16
N ILE B 84 11.74 17.05 -3.86
CA ILE B 84 11.33 16.81 -2.47
C ILE B 84 11.87 15.38 -2.02
N SER B 85 12.32 15.28 -0.78
CA SER B 85 12.78 14.04 -0.17
C SER B 85 11.60 13.33 0.49
N PRO B 86 10.95 12.32 -0.13
CA PRO B 86 9.79 11.74 0.44
C PRO B 86 10.16 10.68 1.46
N PHE B 87 9.11 10.21 2.16
CA PHE B 87 9.22 9.16 3.14
C PHE B 87 9.15 7.78 2.50
N HIS B 88 8.11 7.50 1.68
CA HIS B 88 7.88 6.12 1.22
C HIS B 88 8.64 5.86 -0.08
N GLU B 89 9.08 4.66 -0.27
CA GLU B 89 9.62 4.20 -1.48
C GLU B 89 8.64 4.11 -2.59
N HIS B 90 7.46 3.59 -2.30
CA HIS B 90 6.43 3.53 -3.30
C HIS B 90 5.03 3.46 -2.60
N ALA B 91 3.98 3.55 -3.41
CA ALA B 91 2.59 3.32 -2.87
C ALA B 91 2.16 2.11 -3.53
N GLU B 92 1.27 1.32 -2.92
CA GLU B 92 0.84 0.08 -3.59
C GLU B 92 -0.53 -0.41 -3.19
N VAL B 93 -0.99 -1.41 -3.96
CA VAL B 93 -2.07 -2.25 -3.61
C VAL B 93 -1.63 -3.64 -4.07
N VAL B 94 -2.03 -4.58 -3.22
CA VAL B 94 -1.96 -6.01 -3.51
C VAL B 94 -3.39 -6.59 -3.26
N PHE B 95 -3.88 -7.15 -4.35
CA PHE B 95 -5.29 -7.62 -4.31
C PHE B 95 -5.40 -8.79 -5.25
N THR B 96 -6.47 -9.58 -4.94
CA THR B 96 -6.90 -10.73 -5.78
C THR B 96 -7.86 -10.21 -6.84
N ALA B 97 -7.60 -10.49 -8.08
CA ALA B 97 -8.39 -9.96 -9.19
C ALA B 97 -9.13 -11.13 -9.85
N ASN B 98 -10.21 -10.72 -10.46
CA ASN B 98 -11.00 -11.62 -11.31
C ASN B 98 -11.48 -12.96 -10.74
N ASP B 99 -11.51 -13.12 -9.42
CA ASP B 99 -11.89 -14.36 -8.76
C ASP B 99 -13.27 -14.78 -9.04
N SER B 100 -14.22 -13.92 -9.41
CA SER B 100 -15.58 -14.35 -9.79
C SER B 100 -15.85 -13.86 -11.17
N GLY B 101 -14.85 -14.06 -12.04
CA GLY B 101 -14.98 -13.53 -13.35
C GLY B 101 -14.30 -12.18 -13.57
N PRO B 102 -14.31 -11.72 -14.81
CA PRO B 102 -13.61 -10.49 -15.12
C PRO B 102 -14.30 -9.35 -14.48
N ARG B 103 -13.49 -8.39 -14.00
CA ARG B 103 -14.01 -7.10 -13.60
C ARG B 103 -13.10 -5.98 -14.14
N ARG B 104 -13.58 -4.77 -14.06
CA ARG B 104 -12.66 -3.64 -14.43
C ARG B 104 -12.19 -3.00 -13.17
N TYR B 105 -10.89 -2.76 -12.95
CA TYR B 105 -10.38 -2.29 -11.67
C TYR B 105 -9.70 -0.93 -11.92
N THR B 106 -10.07 0.01 -11.10
CA THR B 106 -9.30 1.29 -11.14
C THR B 106 -8.70 1.40 -9.81
N ILE B 107 -7.38 1.62 -9.82
CA ILE B 107 -6.70 1.85 -8.57
C ILE B 107 -6.32 3.33 -8.56
N ALA B 108 -6.84 4.01 -7.58
CA ALA B 108 -6.54 5.43 -7.43
C ALA B 108 -5.71 5.65 -6.23
N ALA B 109 -4.70 6.55 -6.37
CA ALA B 109 -3.76 6.91 -5.31
C ALA B 109 -3.54 8.45 -5.15
N LEU B 110 -3.55 8.85 -3.92
CA LEU B 110 -3.46 10.27 -3.61
C LEU B 110 -2.23 10.33 -2.78
N LEU B 111 -1.27 11.21 -3.27
CA LEU B 111 0.15 11.29 -2.70
C LEU B 111 0.52 12.56 -1.88
N SER B 112 1.12 12.33 -0.77
CA SER B 112 1.86 13.43 -0.08
C SER B 112 3.16 12.83 0.34
N PRO B 113 4.14 13.82 0.62
CA PRO B 113 5.47 13.38 0.94
C PRO B 113 5.59 12.30 2.06
N TYR B 114 4.73 12.40 3.07
CA TYR B 114 4.79 11.46 4.17
C TYR B 114 3.52 10.55 4.22
N SER B 115 2.70 10.57 3.19
CA SER B 115 1.44 9.75 3.34
C SER B 115 1.04 9.46 2.00
N TYR B 116 0.20 8.34 1.93
CA TYR B 116 -0.61 8.19 0.74
C TYR B 116 -1.90 7.34 1.09
N SER B 117 -2.82 7.60 0.23
CA SER B 117 -4.01 6.69 0.27
CA SER B 117 -4.14 6.80 0.27
C SER B 117 -4.31 6.25 -1.08
N THR B 118 -4.97 5.07 -0.99
CA THR B 118 -5.32 4.32 -2.23
C THR B 118 -6.70 3.65 -2.09
N THR B 119 -7.39 3.72 -3.13
CA THR B 119 -8.69 2.98 -3.10
C THR B 119 -8.80 2.33 -4.45
N ALA B 120 -9.72 1.33 -4.46
CA ALA B 120 -10.07 0.51 -5.58
C ALA B 120 -11.52 0.71 -5.97
N VAL B 121 -11.76 0.84 -7.23
CA VAL B 121 -13.10 0.91 -7.79
C VAL B 121 -13.20 -0.26 -8.76
N VAL B 122 -14.22 -1.12 -8.51
CA VAL B 122 -14.35 -2.37 -9.25
C VAL B 122 -15.75 -2.42 -9.85
N THR B 123 -15.83 -2.52 -11.16
CA THR B 123 -17.08 -2.45 -11.93
C THR B 123 -17.19 -3.67 -12.81
CA CA C . 12.80 -9.81 16.11
C1 A1ISY D . -4.76 8.32 8.47
C2 A1ISY D . -5.38 9.02 9.58
C3 A1ISY D . -4.98 8.95 10.98
C4 A1ISY D . -4.84 10.13 11.69
C5 A1ISY D . -4.46 10.07 13.02
C6 A1ISY D . -4.25 8.81 13.59
C7 A1ISY D . -4.43 7.62 12.88
C8 A1ISY D . -4.79 7.69 11.55
C9 A1ISY D . -6.45 9.77 8.97
N1 A1ISY D . -6.51 9.57 7.67
N2 A1ISY D . -5.44 8.72 7.40
N A1ISY D . -7.32 10.52 9.65
C A1ISY D . -3.57 7.42 8.51
C1 A1ISY E . -9.40 10.49 -2.24
C2 A1ISY E . -8.95 9.67 -3.24
C3 A1ISY E . -8.96 9.59 -4.69
C4 A1ISY E . -7.72 9.49 -5.33
C5 A1ISY E . -7.67 9.51 -6.69
C6 A1ISY E . -8.80 9.72 -7.44
C7 A1ISY E . -9.97 9.86 -6.81
C8 A1ISY E . -10.08 9.87 -5.42
C9 A1ISY E . -7.99 8.75 -2.57
N1 A1ISY E . -7.97 8.99 -1.29
N2 A1ISY E . -8.83 10.05 -1.14
N A1ISY E . -7.23 7.76 -3.13
C A1ISY E . -10.39 11.65 -2.25
CA CA F . -12.18 -18.29 -9.25
#